data_3KRG
#
_entry.id   3KRG
#
_cell.length_a   50.626
_cell.length_b   69.066
_cell.length_c   59.656
_cell.angle_alpha   90.00
_cell.angle_beta   113.85
_cell.angle_gamma   90.00
#
_symmetry.space_group_name_H-M   'P 1 21 1'
#
loop_
_entity.id
_entity.type
_entity.pdbx_description
1 polymer 'Pectate lyase'
2 branched 'alpha-D-galactopyranuronic acid-(1-4)-alpha-D-galactopyranuronic acid-(1-4)-alpha-D-galactopyranuronic acid-(1-4)-alpha-D-galactopyranuronic acid-(1-4)-alpha-D-galactopyranuronic acid-(1-4)-alpha-D-galactopyranuronic acid'
3 non-polymer 'COBALT (II) ION'
4 non-polymer GLYCEROL
5 water water
#
_entity_poly.entity_id   1
_entity_poly.type   'polypeptide(L)'
_entity_poly.pdbx_seq_one_letter_code
;ADLGHQTLGSNDGWGAYSTGTTGGSKASSSNVYTVSNRNQLVSALGKETNTTPKIIYIKGTIDMNVDDNLKPLGLNDYKD
PEYDLDKYLKAYDPSTWGKKEPSGTQEEARARSQKNQKARVMVDIPANTTIVGSGTNAKVVGGNFQIKSDNVIIRNIEFQ
DAYDYFPQWDPTAGSSGNWASQYDNITINGGTHIWIDHCTFNDGSRPDSTSPKYYGRKYQHHDGQTDASNGANYITMSYN
YYHDHDASSIFGSSDSKTSDDGKLKITLHHNRYKNIVQRAPRVRFGQVHVYNNYYEGSTSSSSYPFSYAWGIGKSSKIYA
QNNVIDVPGLSAAKTISVFSGGTALYDSGTLLNGTQINASAANGLSSSVGWTPSLHGSIDASANVKSNVINQAGAGKLN
;
_entity_poly.pdbx_strand_id   A
#
# COMPACT_ATOMS: atom_id res chain seq x y z
N ALA A 1 22.18 9.76 -13.96
CA ALA A 1 21.90 8.30 -14.06
C ALA A 1 20.43 8.11 -14.43
N ASP A 2 20.09 7.00 -15.07
CA ASP A 2 18.65 6.69 -15.34
C ASP A 2 17.92 6.20 -14.06
N LEU A 3 16.63 5.93 -14.15
CA LEU A 3 15.90 5.49 -12.96
C LEU A 3 16.38 4.14 -12.51
N GLY A 4 16.81 3.31 -13.45
CA GLY A 4 17.36 1.98 -13.08
C GLY A 4 18.59 2.09 -12.21
N HIS A 5 19.40 3.12 -12.43
CA HIS A 5 20.66 3.25 -11.70
C HIS A 5 20.72 4.33 -10.61
N GLN A 6 19.73 5.20 -10.51
CA GLN A 6 19.75 6.20 -9.39
C GLN A 6 19.61 5.50 -8.05
N THR A 7 20.08 6.14 -7.00
CA THR A 7 19.87 5.68 -5.64
C THR A 7 19.03 6.72 -4.87
N LEU A 8 18.48 6.34 -3.72
CA LEU A 8 17.78 7.31 -2.86
C LEU A 8 18.76 8.35 -2.33
N GLY A 9 18.42 9.64 -2.44
CA GLY A 9 19.33 10.73 -2.03
C GLY A 9 19.64 10.57 -0.55
N SER A 10 20.82 10.97 -0.11
CA SER A 10 21.27 10.67 1.27
C SER A 10 20.47 11.40 2.31
N ASN A 11 19.65 12.37 1.88
CA ASN A 11 18.73 13.03 2.85
C ASN A 11 17.23 12.73 2.65
N ASP A 12 16.92 11.84 1.72
CA ASP A 12 15.54 11.69 1.30
C ASP A 12 14.77 10.69 2.16
N GLY A 13 14.43 11.12 3.37
CA GLY A 13 13.53 10.34 4.27
C GLY A 13 14.18 9.17 5.00
N TRP A 14 13.38 8.44 5.76
CA TRP A 14 13.94 7.37 6.57
C TRP A 14 14.66 6.28 5.77
N GLY A 15 14.30 6.14 4.50
CA GLY A 15 15.01 5.17 3.67
C GLY A 15 16.51 5.44 3.55
N ALA A 16 16.92 6.68 3.76
CA ALA A 16 18.32 7.09 3.63
C ALA A 16 19.14 6.81 4.90
N TYR A 17 18.47 6.35 5.96
CA TYR A 17 19.18 6.09 7.23
C TYR A 17 20.22 5.00 7.11
N SER A 18 21.26 5.09 7.95
CA SER A 18 22.36 4.08 8.02
C SER A 18 22.93 3.73 6.65
N THR A 19 22.76 2.50 6.21
CA THR A 19 23.40 2.08 4.95
C THR A 19 22.66 2.63 3.72
N GLY A 20 21.51 3.21 3.95
CA GLY A 20 20.71 3.79 2.90
C GLY A 20 20.09 2.84 1.89
N THR A 21 19.55 3.43 0.81
CA THR A 21 18.80 2.65 -0.16
C THR A 21 19.41 2.88 -1.56
N THR A 22 20.20 1.90 -1.98
CA THR A 22 20.87 2.02 -3.27
C THR A 22 20.35 0.99 -4.27
N GLY A 23 19.48 0.09 -3.80
CA GLY A 23 18.88 -0.99 -4.62
C GLY A 23 19.96 -1.72 -5.38
N GLY A 24 19.71 -1.88 -6.66
CA GLY A 24 20.64 -2.60 -7.53
C GLY A 24 21.52 -1.67 -8.36
N SER A 25 21.69 -0.41 -7.95
CA SER A 25 22.49 0.55 -8.77
C SER A 25 23.85 0.06 -9.22
N LYS A 26 24.50 -0.75 -8.40
CA LYS A 26 25.83 -1.29 -8.76
C LYS A 26 25.78 -2.59 -9.56
N ALA A 27 24.63 -2.96 -10.11
CA ALA A 27 24.55 -4.20 -10.90
C ALA A 27 25.62 -4.28 -12.01
N SER A 28 26.25 -5.45 -12.11
CA SER A 28 27.18 -5.80 -13.20
C SER A 28 26.30 -6.14 -14.42
N SER A 29 26.92 -6.28 -15.57
CA SER A 29 26.17 -6.36 -16.82
C SER A 29 25.21 -7.54 -16.95
N SER A 30 25.54 -8.69 -16.39
CA SER A 30 24.66 -9.85 -16.51
C SER A 30 23.47 -9.78 -15.49
N ASN A 31 23.46 -8.77 -14.62
CA ASN A 31 22.38 -8.62 -13.62
C ASN A 31 21.50 -7.40 -13.91
N VAL A 32 21.48 -7.00 -15.17
CA VAL A 32 20.47 -6.05 -15.66
C VAL A 32 19.50 -6.77 -16.57
N TYR A 33 18.21 -6.66 -16.33
CA TYR A 33 17.22 -7.38 -17.11
C TYR A 33 16.13 -6.44 -17.62
N THR A 34 15.54 -6.78 -18.75
CA THR A 34 14.34 -6.09 -19.21
C THR A 34 13.26 -7.13 -19.32
N VAL A 35 12.09 -6.87 -18.76
CA VAL A 35 11.10 -7.94 -18.61
C VAL A 35 9.75 -7.45 -19.07
N SER A 36 8.95 -8.28 -19.73
CA SER A 36 7.70 -7.80 -20.29
C SER A 36 6.55 -8.81 -20.05
N ASN A 37 6.77 -9.78 -19.17
CA ASN A 37 5.74 -10.78 -18.83
C ASN A 37 6.14 -11.50 -17.51
N ARG A 38 5.22 -12.28 -16.95
CA ARG A 38 5.43 -12.83 -15.61
C ARG A 38 6.64 -13.75 -15.59
N ASN A 39 6.80 -14.57 -16.64
CA ASN A 39 7.90 -15.52 -16.73
C ASN A 39 9.25 -14.81 -16.65
N GLN A 40 9.37 -13.74 -17.43
CA GLN A 40 10.64 -12.97 -17.45
C GLN A 40 10.87 -12.25 -16.13
N LEU A 41 9.82 -11.69 -15.58
CA LEU A 41 9.90 -11.08 -14.26
C LEU A 41 10.35 -12.06 -13.18
N VAL A 42 9.65 -13.19 -13.11
CA VAL A 42 10.02 -14.22 -12.13
C VAL A 42 11.45 -14.75 -12.32
N SER A 43 11.88 -14.95 -13.56
CA SER A 43 13.26 -15.40 -13.84
C SER A 43 14.28 -14.39 -13.34
N ALA A 44 14.03 -13.10 -13.61
CA ALA A 44 14.95 -12.05 -13.22
C ALA A 44 15.07 -11.90 -11.68
N LEU A 45 13.92 -11.95 -11.00
CA LEU A 45 13.92 -11.89 -9.53
C LEU A 45 14.66 -13.08 -8.92
N GLY A 46 14.42 -14.27 -9.46
CA GLY A 46 15.02 -15.50 -8.90
C GLY A 46 14.58 -15.67 -7.43
N LYS A 47 15.43 -16.27 -6.61
CA LYS A 47 15.10 -16.64 -5.25
C LYS A 47 15.75 -15.71 -4.23
N GLU A 48 15.48 -15.96 -2.96
CA GLU A 48 15.99 -15.12 -1.87
C GLU A 48 17.52 -15.03 -1.95
N THR A 49 18.14 -16.10 -2.48
CA THR A 49 19.61 -16.16 -2.57
C THR A 49 20.21 -15.25 -3.66
N ASN A 50 19.34 -14.64 -4.47
CA ASN A 50 19.79 -13.78 -5.56
C ASN A 50 20.01 -12.37 -4.97
N THR A 51 21.07 -12.18 -4.20
CA THR A 51 21.30 -10.91 -3.48
C THR A 51 22.32 -10.03 -4.17
N THR A 52 22.89 -10.47 -5.30
CA THR A 52 23.77 -9.58 -6.05
C THR A 52 22.96 -8.36 -6.53
N PRO A 53 23.58 -7.18 -6.56
CA PRO A 53 22.87 -6.01 -7.09
C PRO A 53 22.26 -6.26 -8.47
N LYS A 54 20.98 -5.90 -8.64
CA LYS A 54 20.33 -6.19 -9.93
C LYS A 54 19.36 -5.08 -10.28
N ILE A 55 19.16 -4.87 -11.59
CA ILE A 55 18.27 -3.80 -12.07
C ILE A 55 17.29 -4.49 -13.00
N ILE A 56 16.00 -4.24 -12.80
CA ILE A 56 14.99 -4.87 -13.62
C ILE A 56 14.13 -3.77 -14.21
N TYR A 57 14.09 -3.72 -15.55
CA TYR A 57 13.27 -2.72 -16.25
C TYR A 57 12.00 -3.42 -16.70
N ILE A 58 10.86 -2.86 -16.34
CA ILE A 58 9.60 -3.39 -16.81
C ILE A 58 9.13 -2.65 -18.05
N LYS A 59 8.89 -3.44 -19.08
CA LYS A 59 8.48 -2.91 -20.32
C LYS A 59 7.01 -3.31 -20.58
N GLY A 60 6.14 -2.33 -20.67
CA GLY A 60 4.71 -2.57 -20.90
C GLY A 60 3.96 -3.18 -19.70
N THR A 61 2.91 -3.95 -20.00
CA THR A 61 2.00 -4.47 -18.99
C THR A 61 2.35 -5.91 -18.66
N ILE A 62 2.58 -6.17 -17.38
CA ILE A 62 2.78 -7.52 -16.90
C ILE A 62 1.58 -7.96 -16.05
N ASP A 63 0.79 -8.82 -16.66
CA ASP A 63 -0.35 -9.48 -15.97
C ASP A 63 0.17 -10.66 -15.14
N MET A 64 -0.04 -10.63 -13.84
CA MET A 64 0.45 -11.68 -12.96
C MET A 64 -0.53 -12.88 -12.86
N ASN A 65 -1.79 -12.69 -13.27
CA ASN A 65 -2.77 -13.83 -13.26
C ASN A 65 -2.65 -14.61 -14.55
N VAL A 66 -1.51 -15.27 -14.73
CA VAL A 66 -1.26 -16.05 -15.99
C VAL A 66 -0.51 -17.36 -15.63
N ASP A 67 -0.66 -18.37 -16.48
CA ASP A 67 0.03 -19.64 -16.23
C ASP A 67 1.44 -19.57 -16.80
N ASP A 68 2.15 -20.70 -16.80
CA ASP A 68 3.54 -20.73 -17.27
C ASP A 68 3.71 -20.50 -18.76
N ASN A 69 2.60 -20.53 -19.51
CA ASN A 69 2.64 -20.16 -20.92
C ASN A 69 1.97 -18.82 -21.17
N LEU A 70 1.73 -18.07 -20.09
CA LEU A 70 1.18 -16.73 -20.14
C LEU A 70 -0.28 -16.71 -20.52
N LYS A 71 -0.95 -17.86 -20.41
CA LYS A 71 -2.40 -17.88 -20.60
C LYS A 71 -3.11 -17.30 -19.37
N PRO A 72 -4.02 -16.35 -19.59
CA PRO A 72 -4.78 -15.76 -18.48
C PRO A 72 -5.54 -16.77 -17.61
N LEU A 73 -5.50 -16.53 -16.30
CA LEU A 73 -6.18 -17.41 -15.32
C LEU A 73 -7.22 -16.63 -14.55
N GLY A 74 -8.39 -17.19 -14.35
CA GLY A 74 -9.45 -16.49 -13.63
C GLY A 74 -10.00 -17.40 -12.54
N LEU A 75 -11.20 -17.08 -12.04
CA LEU A 75 -11.78 -17.77 -10.89
C LEU A 75 -11.82 -19.27 -11.07
N ASN A 76 -12.34 -19.73 -12.22
CA ASN A 76 -12.50 -21.19 -12.43
C ASN A 76 -11.17 -21.95 -12.57
N ASP A 77 -10.10 -21.25 -12.91
CA ASP A 77 -8.81 -21.90 -13.00
C ASP A 77 -8.19 -22.12 -11.62
N TYR A 78 -8.46 -21.20 -10.70
CA TYR A 78 -7.91 -21.27 -9.37
C TYR A 78 -8.80 -22.08 -8.38
N LYS A 79 -10.09 -22.23 -8.68
CA LYS A 79 -11.02 -22.80 -7.71
C LYS A 79 -10.63 -24.21 -7.30
N ASP A 80 -10.61 -24.48 -6.00
CA ASP A 80 -10.46 -25.86 -5.51
C ASP A 80 -11.71 -26.63 -5.94
N PRO A 81 -11.56 -27.91 -6.31
CA PRO A 81 -12.74 -28.71 -6.74
C PRO A 81 -13.92 -28.71 -5.75
N GLU A 82 -13.64 -28.56 -4.45
CA GLU A 82 -14.70 -28.58 -3.39
C GLU A 82 -15.26 -27.19 -3.06
N TYR A 83 -14.68 -26.13 -3.61
CA TYR A 83 -15.18 -24.78 -3.35
C TYR A 83 -16.32 -24.41 -4.32
N ASP A 84 -17.35 -23.77 -3.79
CA ASP A 84 -18.45 -23.28 -4.60
C ASP A 84 -18.99 -22.01 -3.97
N LEU A 85 -19.02 -20.91 -4.72
CA LEU A 85 -19.50 -19.66 -4.11
C LEU A 85 -20.87 -19.79 -3.46
N ASP A 86 -21.84 -20.39 -4.14
CA ASP A 86 -23.20 -20.38 -3.55
C ASP A 86 -23.24 -21.22 -2.27
N LYS A 87 -22.47 -22.29 -2.24
CA LYS A 87 -22.46 -23.09 -1.01
C LYS A 87 -21.65 -22.45 0.09
N TYR A 88 -20.58 -21.75 -0.25
CA TYR A 88 -19.85 -20.95 0.73
C TYR A 88 -20.80 -19.96 1.37
N LEU A 89 -21.52 -19.21 0.53
CA LEU A 89 -22.43 -18.19 1.05
C LEU A 89 -23.53 -18.83 1.92
N LYS A 90 -24.01 -20.00 1.52
CA LYS A 90 -25.08 -20.67 2.30
C LYS A 90 -24.52 -21.19 3.60
N ALA A 91 -23.31 -21.75 3.59
CA ALA A 91 -22.72 -22.25 4.81
C ALA A 91 -22.56 -21.13 5.86
N TYR A 92 -22.11 -19.95 5.43
CA TYR A 92 -21.66 -18.94 6.42
C TYR A 92 -22.61 -17.76 6.63
N ASP A 93 -23.77 -17.85 6.03
CA ASP A 93 -24.81 -16.84 6.26
C ASP A 93 -25.00 -16.62 7.75
N PRO A 94 -24.81 -15.36 8.23
CA PRO A 94 -25.04 -15.11 9.67
C PRO A 94 -26.40 -15.59 10.16
N SER A 95 -27.37 -15.63 9.25
CA SER A 95 -28.76 -16.03 9.54
C SER A 95 -28.85 -17.48 10.09
N THR A 96 -27.95 -18.35 9.65
CA THR A 96 -27.97 -19.75 10.09
C THR A 96 -26.67 -20.16 10.77
N TRP A 97 -25.57 -19.50 10.44
CA TRP A 97 -24.23 -19.84 10.94
C TRP A 97 -23.92 -19.05 12.21
N GLY A 98 -24.60 -17.92 12.38
CA GLY A 98 -24.31 -17.01 13.49
C GLY A 98 -23.00 -16.29 13.26
N LYS A 99 -22.35 -15.92 14.35
CA LYS A 99 -21.16 -15.06 14.29
C LYS A 99 -19.86 -15.82 14.56
N LYS A 100 -19.88 -17.15 14.59
CA LYS A 100 -18.63 -17.88 14.75
C LYS A 100 -17.82 -17.81 13.43
N GLU A 101 -16.50 -17.97 13.51
CA GLU A 101 -15.61 -17.88 12.35
C GLU A 101 -15.99 -19.01 11.40
N PRO A 102 -16.02 -18.75 10.08
CA PRO A 102 -16.32 -19.85 9.16
C PRO A 102 -15.30 -20.97 9.34
N SER A 103 -15.76 -22.23 9.26
CA SER A 103 -14.84 -23.36 9.39
C SER A 103 -15.56 -24.50 8.72
N GLY A 104 -14.87 -25.61 8.45
CA GLY A 104 -15.51 -26.70 7.75
C GLY A 104 -15.24 -26.68 6.25
N THR A 105 -16.02 -27.47 5.53
CA THR A 105 -15.68 -27.86 4.16
C THR A 105 -15.48 -26.66 3.22
N GLN A 106 -16.45 -25.75 3.15
CA GLN A 106 -16.35 -24.66 2.16
C GLN A 106 -15.19 -23.71 2.51
N GLU A 107 -15.09 -23.33 3.77
CA GLU A 107 -13.95 -22.46 4.18
C GLU A 107 -12.58 -23.10 3.91
N GLU A 108 -12.49 -24.39 4.20
CA GLU A 108 -11.24 -25.04 3.85
C GLU A 108 -10.95 -25.06 2.35
N ALA A 109 -11.97 -25.30 1.54
CA ALA A 109 -11.81 -25.27 0.09
C ALA A 109 -11.49 -23.87 -0.42
N ARG A 110 -12.11 -22.87 0.19
CA ARG A 110 -11.86 -21.48 -0.18
C ARG A 110 -10.39 -21.12 0.09
N ALA A 111 -9.90 -21.54 1.26
CA ALA A 111 -8.51 -21.28 1.68
C ALA A 111 -7.53 -21.92 0.68
N ARG A 112 -7.81 -23.15 0.26
CA ARG A 112 -6.91 -23.79 -0.71
C ARG A 112 -6.95 -23.05 -2.05
N SER A 113 -8.15 -22.61 -2.43
CA SER A 113 -8.35 -21.88 -3.71
C SER A 113 -7.50 -20.59 -3.68
N GLN A 114 -7.54 -19.90 -2.56
CA GLN A 114 -6.81 -18.66 -2.41
C GLN A 114 -5.29 -18.94 -2.49
N LYS A 115 -4.81 -20.10 -1.99
CA LYS A 115 -3.38 -20.39 -2.06
C LYS A 115 -2.99 -20.66 -3.51
N ASN A 116 -3.95 -21.15 -4.29
CA ASN A 116 -3.67 -21.43 -5.71
C ASN A 116 -3.39 -20.11 -6.48
N GLN A 117 -4.17 -19.08 -6.19
CA GLN A 117 -3.92 -17.79 -6.80
C GLN A 117 -2.65 -17.10 -6.23
N LYS A 118 -2.41 -17.24 -4.92
CA LYS A 118 -1.27 -16.58 -4.29
C LYS A 118 -0.01 -17.03 -5.01
N ALA A 119 0.03 -18.31 -5.37
CA ALA A 119 1.25 -18.88 -5.99
C ALA A 119 1.59 -18.18 -7.31
N ARG A 120 0.58 -17.62 -7.99
CA ARG A 120 0.83 -16.89 -9.23
C ARG A 120 1.08 -15.40 -9.00
N VAL A 121 0.32 -14.79 -8.08
CA VAL A 121 0.34 -13.32 -8.05
C VAL A 121 1.34 -12.69 -7.08
N MET A 122 1.71 -13.44 -6.05
CA MET A 122 2.59 -12.87 -5.05
C MET A 122 4.03 -13.31 -5.36
N VAL A 123 4.93 -12.34 -5.42
CA VAL A 123 6.35 -12.62 -5.65
C VAL A 123 7.21 -11.82 -4.68
N ASP A 124 8.29 -12.46 -4.20
CA ASP A 124 9.22 -11.80 -3.24
C ASP A 124 10.34 -11.12 -3.98
N ILE A 125 10.69 -9.92 -3.53
CA ILE A 125 11.76 -9.17 -4.15
C ILE A 125 13.01 -9.33 -3.28
N PRO A 126 14.09 -9.87 -3.86
CA PRO A 126 15.31 -10.16 -3.16
C PRO A 126 16.14 -8.88 -2.90
N ALA A 127 17.08 -8.99 -1.98
CA ALA A 127 17.90 -7.90 -1.54
C ALA A 127 18.67 -7.26 -2.72
N ASN A 128 18.93 -5.97 -2.60
CA ASN A 128 19.79 -5.20 -3.53
C ASN A 128 19.18 -5.17 -4.93
N THR A 129 17.92 -4.74 -4.99
CA THR A 129 17.21 -4.81 -6.27
C THR A 129 16.56 -3.47 -6.61
N THR A 130 16.71 -3.03 -7.86
CA THR A 130 15.94 -1.86 -8.32
C THR A 130 15.03 -2.37 -9.42
N ILE A 131 13.73 -2.12 -9.27
CA ILE A 131 12.75 -2.43 -10.31
C ILE A 131 12.09 -1.13 -10.78
N VAL A 132 12.16 -0.80 -12.08
CA VAL A 132 11.58 0.47 -12.51
C VAL A 132 10.84 0.28 -13.82
N GLY A 133 9.81 1.06 -14.06
CA GLY A 133 9.13 0.96 -15.35
C GLY A 133 9.94 1.71 -16.44
N SER A 134 10.03 1.14 -17.65
CA SER A 134 10.51 1.86 -18.82
C SER A 134 9.39 2.66 -19.44
N GLY A 135 9.68 3.90 -19.83
CA GLY A 135 8.65 4.77 -20.45
C GLY A 135 7.50 5.17 -19.54
N THR A 136 6.33 5.42 -20.12
CA THR A 136 5.25 5.98 -19.31
C THR A 136 4.16 4.99 -19.04
N ASN A 137 4.35 3.75 -19.54
CA ASN A 137 3.28 2.76 -19.54
C ASN A 137 3.63 1.40 -18.98
N ALA A 138 4.59 1.35 -18.07
CA ALA A 138 4.92 0.12 -17.39
C ALA A 138 3.82 -0.16 -16.34
N LYS A 139 3.31 -1.39 -16.34
CA LYS A 139 2.18 -1.72 -15.45
C LYS A 139 2.40 -3.11 -14.86
N VAL A 140 2.01 -3.28 -13.60
CA VAL A 140 1.94 -4.61 -12.97
C VAL A 140 0.47 -4.80 -12.61
N VAL A 141 -0.16 -5.80 -13.20
CA VAL A 141 -1.61 -5.98 -13.08
C VAL A 141 -1.91 -7.26 -12.32
N GLY A 142 -2.64 -7.14 -11.21
CA GLY A 142 -2.97 -8.28 -10.34
C GLY A 142 -1.87 -8.76 -9.40
N GLY A 143 -0.65 -8.25 -9.58
CA GLY A 143 0.49 -8.68 -8.75
C GLY A 143 0.52 -8.03 -7.34
N ASN A 144 1.19 -8.73 -6.44
CA ASN A 144 1.50 -8.28 -5.08
C ASN A 144 3.00 -8.52 -4.93
N PHE A 145 3.80 -7.46 -5.05
CA PHE A 145 5.21 -7.55 -4.69
C PHE A 145 5.32 -7.65 -3.18
N GLN A 146 6.15 -8.58 -2.69
CA GLN A 146 6.39 -8.62 -1.23
C GLN A 146 7.85 -8.36 -0.97
N ILE A 147 8.15 -7.45 -0.04
CA ILE A 147 9.56 -7.17 0.24
C ILE A 147 9.87 -7.52 1.68
N LYS A 148 10.60 -8.62 1.88
CA LYS A 148 11.12 -9.01 3.21
C LYS A 148 12.61 -8.69 3.38
N SER A 149 13.26 -8.29 2.29
CA SER A 149 14.70 -8.12 2.27
C SER A 149 15.11 -6.66 2.50
N ASP A 150 16.41 -6.39 2.37
CA ASP A 150 16.96 -5.06 2.58
C ASP A 150 17.40 -4.48 1.25
N ASN A 151 17.15 -3.19 1.05
CA ASN A 151 17.80 -2.42 -0.04
C ASN A 151 17.11 -2.60 -1.40
N VAL A 152 15.92 -2.02 -1.50
CA VAL A 152 15.08 -2.26 -2.64
C VAL A 152 14.44 -0.95 -3.10
N ILE A 153 14.43 -0.73 -4.40
CA ILE A 153 13.87 0.49 -5.00
C ILE A 153 12.86 0.08 -6.05
N ILE A 154 11.67 0.69 -6.00
CA ILE A 154 10.59 0.41 -6.96
C ILE A 154 10.13 1.77 -7.50
N ARG A 155 10.20 1.99 -8.81
CA ARG A 155 9.81 3.32 -9.30
C ARG A 155 9.13 3.22 -10.65
N ASN A 156 8.26 4.20 -10.88
CA ASN A 156 7.72 4.48 -12.23
C ASN A 156 6.90 3.31 -12.76
N ILE A 157 6.21 2.62 -11.86
CA ILE A 157 5.33 1.53 -12.28
C ILE A 157 3.89 1.90 -11.86
N GLU A 158 2.92 1.62 -12.73
CA GLU A 158 1.51 1.66 -12.33
C GLU A 158 1.07 0.25 -11.88
N PHE A 159 0.80 0.10 -10.59
CA PHE A 159 0.29 -1.12 -10.00
C PHE A 159 -1.25 -1.06 -10.03
N GLN A 160 -1.89 -2.03 -10.69
CA GLN A 160 -3.35 -2.11 -10.78
C GLN A 160 -3.90 -3.38 -10.16
N ASP A 161 -4.94 -3.23 -9.34
CA ASP A 161 -5.97 -4.25 -9.18
C ASP A 161 -5.34 -5.58 -8.68
N ALA A 162 -4.74 -5.50 -7.47
CA ALA A 162 -4.29 -6.67 -6.77
C ALA A 162 -5.59 -7.33 -6.21
N TYR A 163 -6.14 -8.22 -7.04
CA TYR A 163 -7.51 -8.79 -6.95
C TYR A 163 -7.51 -10.22 -6.45
N ASP A 164 -8.27 -10.48 -5.39
CA ASP A 164 -8.35 -11.82 -4.79
C ASP A 164 -9.71 -12.47 -5.19
N TYR A 165 -9.64 -13.57 -5.91
CA TYR A 165 -10.90 -14.20 -6.37
C TYR A 165 -11.66 -14.87 -5.23
N PHE A 166 -11.06 -14.98 -4.05
CA PHE A 166 -11.72 -15.71 -2.94
C PHE A 166 -11.76 -14.98 -1.61
N PRO A 167 -12.53 -13.89 -1.56
CA PRO A 167 -12.58 -13.12 -0.28
C PRO A 167 -13.10 -14.00 0.79
N GLN A 168 -12.59 -13.83 2.03
CA GLN A 168 -13.03 -14.63 3.18
C GLN A 168 -14.03 -13.81 3.99
N TRP A 169 -15.12 -14.45 4.41
CA TRP A 169 -16.09 -13.82 5.29
C TRP A 169 -15.63 -13.86 6.71
N ASP A 170 -15.69 -12.73 7.41
CA ASP A 170 -15.40 -12.70 8.83
C ASP A 170 -16.49 -11.92 9.56
N PRO A 171 -17.44 -12.63 10.19
CA PRO A 171 -18.59 -12.00 10.86
C PRO A 171 -18.21 -11.10 12.07
N THR A 172 -17.00 -11.25 12.57
CA THR A 172 -16.58 -10.55 13.78
C THR A 172 -15.67 -9.36 13.47
N ALA A 173 -15.42 -9.13 12.18
CA ALA A 173 -14.63 -7.99 11.77
C ALA A 173 -15.57 -6.81 11.77
N GLY A 174 -15.28 -5.83 12.62
CA GLY A 174 -16.10 -4.63 12.65
C GLY A 174 -17.47 -4.89 13.26
N SER A 175 -18.25 -3.85 13.37
CA SER A 175 -19.55 -3.98 14.01
C SER A 175 -20.50 -4.96 13.30
N SER A 176 -20.34 -5.17 11.98
CA SER A 176 -21.26 -6.04 11.22
C SER A 176 -20.56 -7.05 10.29
N GLY A 177 -19.32 -7.37 10.58
CA GLY A 177 -18.59 -8.35 9.78
C GLY A 177 -18.06 -7.68 8.52
N ASN A 178 -17.14 -8.35 7.82
CA ASN A 178 -16.58 -7.79 6.60
C ASN A 178 -15.96 -8.92 5.83
N TRP A 179 -15.89 -8.75 4.52
CA TRP A 179 -15.22 -9.72 3.67
C TRP A 179 -13.78 -9.23 3.56
N ALA A 180 -12.81 -10.12 3.53
CA ALA A 180 -11.41 -9.67 3.53
C ALA A 180 -10.62 -10.42 2.46
N SER A 181 -9.76 -9.70 1.75
CA SER A 181 -8.90 -10.30 0.76
C SER A 181 -7.42 -10.17 1.13
N GLN A 182 -6.55 -10.83 0.37
CA GLN A 182 -5.15 -11.02 0.79
C GLN A 182 -4.09 -10.18 0.08
N TYR A 183 -4.41 -9.61 -1.10
CA TYR A 183 -3.29 -9.06 -1.92
C TYR A 183 -3.23 -7.56 -1.85
N ASP A 184 -2.05 -7.02 -1.52
CA ASP A 184 -1.74 -5.59 -1.63
C ASP A 184 -1.03 -5.41 -2.97
N ASN A 185 -0.81 -4.17 -3.41
CA ASN A 185 0.09 -4.00 -4.55
C ASN A 185 1.55 -4.28 -4.15
N ILE A 186 1.90 -3.72 -3.00
CA ILE A 186 3.21 -3.96 -2.39
C ILE A 186 3.04 -4.20 -0.90
N THR A 187 3.60 -5.31 -0.39
CA THR A 187 3.60 -5.60 1.03
C THR A 187 5.04 -5.62 1.51
N ILE A 188 5.39 -4.77 2.48
CA ILE A 188 6.74 -4.76 3.02
C ILE A 188 6.63 -5.51 4.37
N ASN A 189 7.12 -6.74 4.37
CA ASN A 189 6.91 -7.64 5.50
C ASN A 189 8.29 -7.85 6.13
N GLY A 190 8.66 -6.95 7.05
CA GLY A 190 10.02 -6.97 7.59
C GLY A 190 11.11 -6.41 6.70
N GLY A 191 10.73 -5.91 5.51
CA GLY A 191 11.71 -5.29 4.58
C GLY A 191 12.30 -3.99 5.15
N THR A 192 13.54 -3.64 4.77
CA THR A 192 14.24 -2.50 5.33
C THR A 192 14.99 -1.79 4.20
N HIS A 193 15.21 -0.48 4.36
CA HIS A 193 15.86 0.35 3.33
C HIS A 193 15.15 0.15 1.98
N ILE A 194 13.96 0.75 1.87
CA ILE A 194 13.11 0.62 0.67
C ILE A 194 12.70 2.01 0.19
N TRP A 195 12.72 2.21 -1.14
CA TRP A 195 12.22 3.45 -1.71
C TRP A 195 11.15 3.08 -2.71
N ILE A 196 9.94 3.57 -2.49
CA ILE A 196 8.86 3.45 -3.48
C ILE A 196 8.57 4.86 -4.02
N ASP A 197 8.80 5.10 -5.32
CA ASP A 197 8.80 6.47 -5.79
C ASP A 197 8.17 6.54 -7.19
N HIS A 198 7.33 7.53 -7.42
CA HIS A 198 6.72 7.76 -8.73
C HIS A 198 6.01 6.51 -9.27
N CYS A 199 5.33 5.79 -8.39
CA CYS A 199 4.47 4.70 -8.84
C CYS A 199 3.02 5.17 -8.70
N THR A 200 2.13 4.46 -9.35
CA THR A 200 0.70 4.72 -9.25
C THR A 200 0.06 3.45 -8.73
N PHE A 201 -0.96 3.59 -7.88
CA PHE A 201 -1.64 2.43 -7.26
C PHE A 201 -3.12 2.64 -7.42
N ASN A 202 -3.80 1.72 -8.12
CA ASN A 202 -5.26 1.89 -8.26
C ASN A 202 -5.93 0.54 -8.42
N ASP A 203 -7.25 0.53 -8.62
CA ASP A 203 -7.94 -0.74 -8.71
C ASP A 203 -8.24 -1.18 -10.14
N GLY A 204 -7.54 -0.55 -11.09
CA GLY A 204 -7.58 -1.02 -12.46
C GLY A 204 -8.98 -0.95 -13.00
N SER A 205 -9.37 -1.99 -13.74
CA SER A 205 -10.70 -2.09 -14.35
C SER A 205 -11.78 -2.61 -13.44
N ARG A 206 -11.43 -3.00 -12.21
CA ARG A 206 -12.37 -3.65 -11.29
C ARG A 206 -12.50 -2.90 -9.96
N PRO A 207 -12.98 -1.68 -10.05
CA PRO A 207 -13.15 -0.90 -8.82
C PRO A 207 -14.18 -1.55 -7.95
N ASP A 208 -14.20 -1.18 -6.66
CA ASP A 208 -15.08 -1.82 -5.69
C ASP A 208 -16.56 -1.66 -6.04
N SER A 209 -16.90 -0.69 -6.88
CA SER A 209 -18.31 -0.49 -7.26
C SER A 209 -18.83 -1.61 -8.22
N THR A 210 -17.93 -2.48 -8.70
CA THR A 210 -18.36 -3.57 -9.53
C THR A 210 -18.53 -4.87 -8.74
N SER A 211 -18.35 -4.80 -7.43
CA SER A 211 -18.55 -5.96 -6.58
C SER A 211 -19.95 -5.90 -5.91
N PRO A 212 -20.68 -7.02 -5.90
CA PRO A 212 -21.93 -7.02 -5.12
C PRO A 212 -21.70 -7.01 -3.60
N LYS A 213 -22.79 -6.85 -2.84
CA LYS A 213 -22.76 -7.02 -1.37
C LYS A 213 -23.35 -8.38 -1.05
N TYR A 214 -22.72 -9.11 -0.14
CA TYR A 214 -23.26 -10.34 0.38
C TYR A 214 -23.33 -10.20 1.89
N TYR A 215 -24.44 -10.65 2.48
CA TYR A 215 -24.76 -10.39 3.87
C TYR A 215 -24.76 -8.91 4.17
N GLY A 216 -25.04 -8.08 3.18
CA GLY A 216 -25.09 -6.60 3.36
C GLY A 216 -23.75 -5.90 3.30
N ARG A 217 -22.69 -6.68 3.08
CA ARG A 217 -21.35 -6.14 3.14
C ARG A 217 -20.70 -6.26 1.77
N LYS A 218 -19.93 -5.25 1.38
CA LYS A 218 -19.16 -5.31 0.10
C LYS A 218 -18.29 -6.60 -0.02
N TYR A 219 -18.42 -7.27 -1.14
CA TYR A 219 -17.63 -8.48 -1.43
C TYR A 219 -16.29 -7.98 -1.96
N GLN A 220 -15.41 -7.67 -1.00
CA GLN A 220 -14.13 -6.94 -1.18
C GLN A 220 -13.02 -7.85 -1.71
N HIS A 221 -12.62 -7.60 -2.95
CA HIS A 221 -11.55 -8.34 -3.60
C HIS A 221 -10.15 -7.69 -3.42
N HIS A 222 -10.09 -6.51 -2.82
CA HIS A 222 -8.79 -5.83 -2.65
C HIS A 222 -8.39 -5.75 -1.20
N ASP A 223 -7.12 -5.44 -0.97
CA ASP A 223 -6.70 -5.19 0.39
C ASP A 223 -5.97 -3.84 0.33
N GLY A 224 -4.68 -3.83 0.67
CA GLY A 224 -3.99 -2.54 0.78
C GLY A 224 -3.29 -2.15 -0.51
N GLN A 225 -2.65 -0.98 -0.51
CA GLN A 225 -1.83 -0.55 -1.64
C GLN A 225 -0.35 -0.72 -1.27
N THR A 226 0.12 0.03 -0.26
CA THR A 226 1.51 -0.20 0.16
C THR A 226 1.45 -0.38 1.68
N ASP A 227 1.49 -1.63 2.13
CA ASP A 227 1.40 -1.90 3.59
C ASP A 227 2.77 -2.29 4.14
N ALA A 228 2.99 -2.11 5.44
CA ALA A 228 4.29 -2.42 6.05
C ALA A 228 4.04 -3.02 7.44
N SER A 229 4.71 -4.13 7.71
CA SER A 229 4.40 -5.06 8.79
C SER A 229 5.70 -5.63 9.35
N ASN A 230 5.61 -6.18 10.57
CA ASN A 230 6.64 -7.10 11.09
C ASN A 230 8.03 -6.54 11.10
N GLY A 231 8.14 -5.35 11.69
CA GLY A 231 9.43 -4.72 11.91
C GLY A 231 9.99 -4.10 10.66
N ALA A 232 9.19 -3.95 9.63
CA ALA A 232 9.60 -3.14 8.47
C ALA A 232 10.20 -1.78 8.91
N ASN A 233 11.27 -1.31 8.25
CA ASN A 233 11.94 -0.15 8.84
C ASN A 233 12.81 0.54 7.80
N TYR A 234 12.89 1.88 7.88
CA TYR A 234 13.75 2.71 7.01
C TYR A 234 13.26 2.71 5.57
N ILE A 235 12.17 3.45 5.34
CA ILE A 235 11.45 3.38 4.10
C ILE A 235 11.05 4.79 3.73
N THR A 236 11.23 5.11 2.45
CA THR A 236 10.74 6.39 1.89
C THR A 236 9.73 6.04 0.80
N MET A 237 8.52 6.61 0.86
CA MET A 237 7.57 6.50 -0.26
C MET A 237 7.29 7.95 -0.69
N SER A 238 7.66 8.29 -1.92
CA SER A 238 7.58 9.67 -2.41
C SER A 238 6.94 9.71 -3.79
N TYR A 239 6.20 10.80 -4.04
CA TYR A 239 5.68 11.07 -5.38
C TYR A 239 4.89 9.94 -5.96
N ASN A 240 4.13 9.22 -5.11
CA ASN A 240 3.25 8.16 -5.63
C ASN A 240 1.82 8.67 -5.75
N TYR A 241 1.06 8.07 -6.64
CA TYR A 241 -0.32 8.53 -6.89
C TYR A 241 -1.24 7.35 -6.51
N TYR A 242 -1.87 7.42 -5.35
CA TYR A 242 -2.80 6.40 -4.93
C TYR A 242 -4.20 6.91 -5.27
N HIS A 243 -4.98 6.12 -6.01
CA HIS A 243 -6.29 6.60 -6.40
C HIS A 243 -7.32 5.52 -6.60
N ASP A 244 -8.57 5.85 -6.26
CA ASP A 244 -9.71 4.95 -6.49
C ASP A 244 -9.52 3.58 -5.84
N HIS A 245 -9.52 3.57 -4.52
CA HIS A 245 -9.19 2.34 -3.79
C HIS A 245 -9.61 2.57 -2.33
N ASP A 246 -9.99 1.50 -1.61
CA ASP A 246 -10.51 1.67 -0.23
C ASP A 246 -9.39 1.92 0.81
N ALA A 247 -8.59 0.91 1.11
CA ALA A 247 -7.62 1.00 2.23
C ALA A 247 -6.21 1.15 1.70
N SER A 248 -5.57 2.30 1.89
CA SER A 248 -4.26 2.54 1.20
C SER A 248 -3.01 1.95 1.84
N SER A 249 -2.75 2.31 3.09
CA SER A 249 -1.45 1.97 3.71
C SER A 249 -1.60 1.75 5.20
N ILE A 250 -1.37 0.51 5.64
CA ILE A 250 -1.35 0.23 7.06
C ILE A 250 0.08 -0.07 7.45
N PHE A 251 0.60 0.71 8.39
CA PHE A 251 1.97 0.53 8.85
C PHE A 251 1.91 0.01 10.30
N GLY A 252 2.17 -1.29 10.46
CA GLY A 252 2.03 -1.90 11.79
C GLY A 252 0.70 -2.59 11.84
N SER A 253 0.75 -3.92 11.83
CA SER A 253 -0.42 -4.69 11.52
C SER A 253 -1.22 -5.11 12.75
N SER A 254 -0.67 -4.90 13.95
CA SER A 254 -1.32 -5.40 15.14
C SER A 254 -0.86 -4.72 16.46
N ASP A 255 -1.84 -4.40 17.31
CA ASP A 255 -1.59 -3.82 18.64
C ASP A 255 -0.71 -4.71 19.53
N SER A 256 -0.74 -6.01 19.27
CA SER A 256 -0.03 -6.98 20.12
C SER A 256 1.40 -7.08 19.65
N LYS A 257 1.68 -6.57 18.45
CA LYS A 257 3.04 -6.66 17.88
C LYS A 257 3.97 -5.56 18.37
N THR A 258 4.26 -5.61 19.68
CA THR A 258 4.98 -4.55 20.32
C THR A 258 6.43 -4.53 19.89
N SER A 259 6.87 -5.61 19.25
CA SER A 259 8.20 -5.61 18.65
C SER A 259 8.32 -4.58 17.51
N ASP A 260 7.20 -4.11 16.96
CA ASP A 260 7.22 -2.96 16.03
C ASP A 260 7.63 -1.61 16.67
N ASP A 261 7.54 -1.50 18.01
CA ASP A 261 7.96 -0.28 18.67
C ASP A 261 9.43 0.04 18.32
N GLY A 262 9.73 1.30 18.03
CA GLY A 262 11.07 1.70 17.53
C GLY A 262 11.39 1.35 16.06
N LYS A 263 10.44 0.70 15.38
CA LYS A 263 10.63 0.38 13.95
C LYS A 263 9.53 1.10 13.15
N LEU A 264 9.24 0.67 11.92
CA LEU A 264 8.21 1.34 11.09
C LEU A 264 8.55 2.81 10.90
N LYS A 265 9.84 3.09 10.76
CA LYS A 265 10.34 4.43 10.48
C LYS A 265 10.20 4.65 8.98
N ILE A 266 9.20 5.45 8.64
CA ILE A 266 8.77 5.58 7.24
C ILE A 266 8.55 7.05 6.99
N THR A 267 8.98 7.54 5.84
CA THR A 267 8.68 8.90 5.42
C THR A 267 7.77 8.84 4.20
N LEU A 268 6.66 9.56 4.26
CA LEU A 268 5.74 9.71 3.11
C LEU A 268 5.73 11.16 2.66
N HIS A 269 6.13 11.44 1.43
CA HIS A 269 6.12 12.83 1.00
C HIS A 269 5.77 12.98 -0.47
N HIS A 270 5.03 14.05 -0.80
CA HIS A 270 4.62 14.34 -2.16
C HIS A 270 3.79 13.27 -2.81
N ASN A 271 3.06 12.49 -2.00
CA ASN A 271 2.11 11.53 -2.55
C ASN A 271 0.72 12.17 -2.72
N ARG A 272 -0.03 11.67 -3.70
CA ARG A 272 -1.36 12.12 -3.98
C ARG A 272 -2.31 10.99 -3.64
N TYR A 273 -3.34 11.28 -2.86
CA TYR A 273 -4.35 10.29 -2.54
C TYR A 273 -5.66 10.87 -3.05
N LYS A 274 -6.19 10.35 -4.17
CA LYS A 274 -7.47 10.80 -4.68
C LYS A 274 -8.53 9.69 -4.63
N ASN A 275 -9.72 9.97 -4.06
CA ASN A 275 -10.74 8.92 -3.91
C ASN A 275 -10.17 7.69 -3.20
N ILE A 276 -9.48 7.94 -2.08
CA ILE A 276 -9.03 6.89 -1.21
C ILE A 276 -9.95 6.96 0.03
N VAL A 277 -10.48 5.82 0.45
CA VAL A 277 -11.42 5.87 1.57
C VAL A 277 -10.78 6.12 2.94
N GLN A 278 -9.74 5.35 3.25
CA GLN A 278 -9.15 5.36 4.58
C GLN A 278 -7.70 4.83 4.62
N ARG A 279 -7.08 4.98 5.81
CA ARG A 279 -5.74 4.42 6.09
C ARG A 279 -4.70 5.02 5.14
N ALA A 280 -4.38 6.29 5.34
CA ALA A 280 -3.50 6.96 4.43
C ALA A 280 -2.48 7.88 5.12
N PRO A 281 -1.70 7.32 6.08
CA PRO A 281 -1.71 5.90 6.42
C PRO A 281 -2.37 5.68 7.77
N ARG A 282 -2.65 4.43 8.10
CA ARG A 282 -3.02 4.07 9.49
C ARG A 282 -1.76 3.52 10.19
N VAL A 283 -1.35 4.09 11.32
CA VAL A 283 -0.06 3.75 11.94
C VAL A 283 -0.26 3.21 13.34
N ARG A 284 0.50 2.17 13.65
CA ARG A 284 0.81 1.75 15.00
C ARG A 284 2.31 1.87 15.20
N PHE A 285 2.68 2.38 16.38
CA PHE A 285 4.08 2.36 16.88
C PHE A 285 5.07 3.29 16.19
N GLY A 286 4.96 3.41 14.86
CA GLY A 286 6.12 3.98 14.14
C GLY A 286 6.29 5.49 14.16
N GLN A 287 7.54 5.92 13.99
CA GLN A 287 7.86 7.30 13.74
C GLN A 287 7.72 7.55 12.25
N VAL A 288 6.59 8.09 11.86
CA VAL A 288 6.30 8.21 10.43
C VAL A 288 6.21 9.70 10.07
N HIS A 289 7.10 10.14 9.19
CA HIS A 289 7.09 11.52 8.74
C HIS A 289 6.19 11.62 7.54
N VAL A 290 5.16 12.46 7.67
CA VAL A 290 4.17 12.64 6.61
C VAL A 290 4.21 14.12 6.19
N TYR A 291 4.74 14.44 5.01
CA TYR A 291 4.83 15.86 4.69
C TYR A 291 4.59 16.17 3.20
N ASN A 292 3.95 17.30 2.92
CA ASN A 292 3.73 17.75 1.52
C ASN A 292 2.96 16.68 0.70
N ASN A 293 2.04 15.97 1.33
CA ASN A 293 1.14 15.09 0.58
C ASN A 293 -0.17 15.84 0.31
N TYR A 294 -0.89 15.41 -0.73
CA TYR A 294 -2.16 16.03 -1.08
C TYR A 294 -3.22 14.97 -1.05
N TYR A 295 -4.35 15.25 -0.40
CA TYR A 295 -5.45 14.28 -0.28
C TYR A 295 -6.70 14.95 -0.86
N GLU A 296 -7.47 14.26 -1.69
CA GLU A 296 -8.66 14.87 -2.29
C GLU A 296 -9.72 13.81 -2.44
N GLY A 297 -10.95 14.15 -2.09
CA GLY A 297 -12.02 13.17 -2.15
C GLY A 297 -13.34 13.82 -1.78
N SER A 298 -14.37 13.00 -1.62
CA SER A 298 -15.70 13.50 -1.28
C SER A 298 -16.31 12.51 -0.34
N THR A 299 -16.92 12.99 0.74
CA THR A 299 -17.57 12.11 1.71
C THR A 299 -18.88 11.54 1.11
N SER A 300 -19.37 12.11 0.01
CA SER A 300 -20.68 11.68 -0.49
C SER A 300 -20.58 10.88 -1.78
N SER A 301 -19.36 10.57 -2.20
CA SER A 301 -19.10 9.81 -3.42
C SER A 301 -19.78 8.44 -3.29
N SER A 302 -20.33 7.91 -4.37
CA SER A 302 -20.91 6.59 -4.30
C SER A 302 -19.80 5.51 -4.33
N SER A 303 -18.72 5.76 -5.07
CA SER A 303 -17.68 4.72 -5.24
C SER A 303 -16.65 4.52 -4.10
N TYR A 304 -15.93 5.58 -3.78
CA TYR A 304 -14.86 5.48 -2.81
C TYR A 304 -14.94 6.74 -1.97
N PRO A 305 -15.93 6.82 -1.09
CA PRO A 305 -16.09 8.01 -0.28
C PRO A 305 -15.08 8.14 0.85
N PHE A 306 -14.59 9.35 1.00
CA PHE A 306 -13.64 9.67 2.07
C PHE A 306 -14.13 9.43 3.45
N SER A 307 -13.32 8.72 4.24
CA SER A 307 -13.59 8.47 5.64
C SER A 307 -12.59 9.21 6.50
N TYR A 308 -11.29 8.94 6.28
CA TYR A 308 -10.25 9.68 7.01
C TYR A 308 -8.93 9.53 6.30
N ALA A 309 -7.98 10.42 6.60
CA ALA A 309 -6.66 10.38 6.03
C ALA A 309 -5.74 9.64 7.02
N TRP A 310 -5.40 10.25 8.15
CA TRP A 310 -4.38 9.60 9.01
C TRP A 310 -5.05 8.84 10.10
N GLY A 311 -4.60 7.59 10.29
CA GLY A 311 -5.09 6.77 11.37
C GLY A 311 -4.11 6.81 12.53
N ILE A 312 -4.57 7.37 13.66
CA ILE A 312 -3.68 7.48 14.81
C ILE A 312 -3.88 6.24 15.68
N GLY A 313 -3.11 5.20 15.40
CA GLY A 313 -3.27 3.92 16.09
C GLY A 313 -2.34 3.86 17.27
N LYS A 314 -2.33 2.67 17.89
CA LYS A 314 -1.61 2.45 19.14
C LYS A 314 -0.17 2.91 19.12
N SER A 315 0.17 3.89 19.98
CA SER A 315 1.53 4.32 20.20
C SER A 315 2.15 4.89 18.94
N SER A 316 1.31 5.31 17.97
CA SER A 316 1.85 5.87 16.70
C SER A 316 2.57 7.19 16.97
N LYS A 317 3.56 7.51 16.13
CA LYS A 317 4.33 8.74 16.30
C LYS A 317 4.38 9.51 14.97
N ILE A 318 3.19 9.79 14.41
CA ILE A 318 3.08 10.51 13.16
C ILE A 318 3.53 11.97 13.31
N TYR A 319 4.40 12.41 12.40
CA TYR A 319 4.88 13.78 12.39
C TYR A 319 4.39 14.39 11.08
N ALA A 320 3.31 15.17 11.14
CA ALA A 320 2.67 15.71 9.91
C ALA A 320 3.07 17.16 9.68
N GLN A 321 3.56 17.46 8.46
CA GLN A 321 4.09 18.77 8.16
C GLN A 321 3.61 19.22 6.75
N ASN A 322 2.92 20.34 6.68
CA ASN A 322 2.53 20.92 5.39
C ASN A 322 1.82 19.96 4.43
N ASN A 323 0.78 19.29 4.92
CA ASN A 323 -0.10 18.46 4.10
C ASN A 323 -1.37 19.22 3.78
N VAL A 324 -2.02 18.85 2.67
CA VAL A 324 -3.16 19.60 2.19
C VAL A 324 -4.28 18.62 1.91
N ILE A 325 -5.44 18.89 2.49
CA ILE A 325 -6.56 18.00 2.40
C ILE A 325 -7.73 18.78 1.82
N ASP A 326 -8.32 18.23 0.75
CA ASP A 326 -9.40 18.86 0.02
C ASP A 326 -10.60 17.85 -0.01
N VAL A 327 -11.47 17.96 0.99
CA VAL A 327 -12.70 17.17 1.09
C VAL A 327 -13.83 18.09 1.55
N PRO A 328 -14.72 18.48 0.61
CA PRO A 328 -15.73 19.47 0.99
C PRO A 328 -16.58 19.06 2.17
N GLY A 329 -16.84 20.04 3.03
CA GLY A 329 -17.69 19.84 4.20
C GLY A 329 -17.07 19.09 5.36
N LEU A 330 -15.85 18.58 5.21
CA LEU A 330 -15.24 17.76 6.30
C LEU A 330 -14.79 18.70 7.44
N SER A 331 -14.94 18.29 8.69
CA SER A 331 -14.41 19.06 9.85
C SER A 331 -12.93 18.78 10.06
N ALA A 332 -12.25 19.69 10.74
CA ALA A 332 -10.85 19.48 11.06
C ALA A 332 -10.68 18.15 11.82
N ALA A 333 -11.55 17.91 12.80
CA ALA A 333 -11.43 16.69 13.64
C ALA A 333 -11.48 15.40 12.80
N LYS A 334 -12.32 15.38 11.77
CA LYS A 334 -12.65 14.17 11.06
C LYS A 334 -11.63 13.90 9.96
N THR A 335 -10.62 14.76 9.82
CA THR A 335 -9.52 14.44 8.89
C THR A 335 -8.74 13.23 9.33
N ILE A 336 -8.80 12.93 10.62
CA ILE A 336 -8.08 11.78 11.16
C ILE A 336 -9.05 10.84 11.88
N SER A 337 -8.59 9.62 12.12
CA SER A 337 -9.33 8.73 13.01
C SER A 337 -8.38 8.24 14.13
N VAL A 338 -8.83 8.34 15.38
CA VAL A 338 -7.99 7.93 16.53
C VAL A 338 -8.48 6.60 17.12
N PHE A 339 -7.58 5.63 17.25
CA PHE A 339 -7.90 4.27 17.65
C PHE A 339 -7.28 4.06 19.00
N SER A 340 -7.76 3.08 19.74
CA SER A 340 -7.23 2.88 21.09
C SER A 340 -5.71 2.83 21.16
N GLY A 341 -5.18 3.56 22.13
CA GLY A 341 -3.74 3.60 22.38
C GLY A 341 -3.07 4.68 21.57
N GLY A 342 -3.83 5.33 20.70
CA GLY A 342 -3.24 6.48 19.92
C GLY A 342 -3.49 7.78 20.69
N THR A 343 -2.44 8.54 21.03
CA THR A 343 -2.63 9.68 21.91
C THR A 343 -1.85 10.93 21.50
N ALA A 344 -1.12 10.88 20.39
CA ALA A 344 -0.13 11.92 20.04
C ALA A 344 -0.06 12.11 18.54
N LEU A 345 0.05 13.37 18.11
CA LEU A 345 0.21 13.67 16.66
C LEU A 345 0.86 15.06 16.54
N TYR A 346 2.03 15.12 15.94
CA TYR A 346 2.63 16.42 15.66
C TYR A 346 1.95 16.82 14.34
N ASP A 347 1.45 18.05 14.31
CA ASP A 347 0.60 18.49 13.23
C ASP A 347 0.94 19.98 12.97
N SER A 348 1.61 20.29 11.86
CA SER A 348 2.02 21.67 11.58
C SER A 348 1.68 21.95 10.10
N GLY A 349 1.03 23.09 9.81
CA GLY A 349 0.82 23.55 8.42
C GLY A 349 -0.30 22.88 7.64
N THR A 350 -1.15 22.09 8.32
CA THR A 350 -2.20 21.37 7.61
C THR A 350 -3.20 22.38 7.09
N LEU A 351 -3.55 22.24 5.80
CA LEU A 351 -4.64 23.01 5.19
C LEU A 351 -5.82 22.06 4.92
N LEU A 352 -7.05 22.44 5.29
CA LEU A 352 -8.22 21.64 4.98
C LEU A 352 -9.12 22.60 4.20
N ASN A 353 -9.42 22.27 2.93
CA ASN A 353 -10.27 23.13 2.08
C ASN A 353 -9.77 24.57 2.04
N GLY A 354 -8.45 24.74 2.07
CA GLY A 354 -7.86 26.08 1.92
C GLY A 354 -7.66 26.87 3.22
N THR A 355 -8.05 26.27 4.35
CA THR A 355 -7.96 26.91 5.68
C THR A 355 -7.00 26.15 6.60
N GLN A 356 -6.17 26.89 7.33
CA GLN A 356 -5.21 26.24 8.21
C GLN A 356 -5.98 25.61 9.42
N ILE A 357 -5.67 24.39 9.74
CA ILE A 357 -6.37 23.68 10.82
C ILE A 357 -5.36 22.96 11.69
N ASN A 358 -5.82 22.47 12.83
CA ASN A 358 -4.99 21.54 13.61
C ASN A 358 -5.79 20.31 14.10
N ALA A 359 -5.74 19.24 13.30
CA ALA A 359 -6.44 17.97 13.57
C ALA A 359 -6.00 17.43 14.93
N SER A 360 -4.71 17.53 15.23
CA SER A 360 -4.22 16.97 16.51
C SER A 360 -4.94 17.59 17.71
N ALA A 361 -4.90 18.92 17.77
CA ALA A 361 -5.54 19.71 18.84
C ALA A 361 -7.07 19.49 18.85
N ALA A 362 -7.64 19.37 17.66
CA ALA A 362 -9.09 19.20 17.55
C ALA A 362 -9.50 17.82 18.10
N ASN A 363 -8.55 16.89 18.15
CA ASN A 363 -8.83 15.54 18.67
C ASN A 363 -8.27 15.32 20.08
N GLY A 364 -7.77 16.39 20.68
CA GLY A 364 -7.31 16.27 22.08
C GLY A 364 -5.98 15.54 22.24
N LEU A 365 -5.23 15.40 21.14
CA LEU A 365 -4.02 14.62 21.17
C LEU A 365 -2.84 15.45 21.65
N SER A 366 -1.82 14.77 22.19
CA SER A 366 -0.59 15.46 22.50
C SER A 366 0.00 16.08 21.21
N SER A 367 0.55 17.29 21.31
CA SER A 367 1.07 17.97 20.12
C SER A 367 2.54 17.57 19.74
N SER A 368 3.17 16.73 20.55
CA SER A 368 4.55 16.30 20.27
C SER A 368 4.53 14.78 20.16
N VAL A 369 5.31 14.21 19.25
CA VAL A 369 5.48 12.77 19.21
C VAL A 369 6.90 12.31 19.59
N GLY A 370 7.67 13.17 20.24
CA GLY A 370 8.94 12.75 20.86
C GLY A 370 10.07 12.60 19.84
N TRP A 371 9.88 13.10 18.63
CA TRP A 371 10.97 13.09 17.64
C TRP A 371 10.82 14.22 16.58
N THR A 372 11.92 14.55 15.89
CA THR A 372 11.87 15.53 14.79
C THR A 372 12.68 14.88 13.67
N PRO A 373 12.08 14.75 12.44
CA PRO A 373 12.78 14.08 11.35
C PRO A 373 13.99 14.88 10.94
N SER A 374 15.17 14.25 10.84
CA SER A 374 16.29 15.01 10.30
C SER A 374 16.48 14.71 8.83
N LEU A 375 16.03 13.56 8.36
CA LEU A 375 16.31 13.23 6.96
C LEU A 375 15.13 13.65 6.10
N HIS A 376 15.18 14.83 5.48
CA HIS A 376 14.15 15.19 4.49
C HIS A 376 14.75 16.17 3.48
N GLY A 377 14.15 16.23 2.30
CA GLY A 377 14.51 17.23 1.31
C GLY A 377 13.75 18.52 1.61
N SER A 378 13.67 19.39 0.60
CA SER A 378 13.11 20.72 0.76
C SER A 378 11.67 20.62 1.24
N ILE A 379 11.21 21.50 2.13
CA ILE A 379 9.79 21.51 2.56
C ILE A 379 8.99 22.60 1.77
N ASP A 380 8.03 22.16 0.96
CA ASP A 380 7.19 23.10 0.20
C ASP A 380 6.28 23.80 1.18
N ALA A 381 6.01 25.06 0.91
CA ALA A 381 4.99 25.76 1.69
C ALA A 381 3.69 25.01 1.41
N SER A 382 2.78 24.93 2.39
CA SER A 382 1.55 24.20 2.11
C SER A 382 0.82 24.78 0.90
N ALA A 383 0.96 26.09 0.68
CA ALA A 383 0.23 26.76 -0.37
C ALA A 383 0.57 26.19 -1.76
N ASN A 384 1.69 25.49 -1.88
CA ASN A 384 2.13 24.97 -3.17
C ASN A 384 2.01 23.45 -3.31
N VAL A 385 1.57 22.77 -2.27
CA VAL A 385 1.55 21.31 -2.24
C VAL A 385 0.59 20.70 -3.28
N LYS A 386 -0.64 21.20 -3.31
CA LYS A 386 -1.61 20.68 -4.28
C LYS A 386 -1.06 20.74 -5.69
N SER A 387 -0.55 21.90 -6.11
CA SER A 387 -0.10 22.02 -7.48
C SER A 387 1.11 21.10 -7.73
N ASN A 388 2.09 21.13 -6.81
CA ASN A 388 3.31 20.35 -7.03
C ASN A 388 2.95 18.86 -7.07
N VAL A 389 2.08 18.43 -6.16
CA VAL A 389 1.78 17.01 -6.10
C VAL A 389 0.95 16.52 -7.32
N ILE A 390 -0.10 17.27 -7.67
CA ILE A 390 -0.82 16.86 -8.90
C ILE A 390 0.14 16.84 -10.12
N ASN A 391 1.04 17.82 -10.25
CA ASN A 391 1.90 17.85 -11.42
C ASN A 391 2.87 16.67 -11.44
N GLN A 392 3.39 16.31 -10.26
CA GLN A 392 4.57 15.43 -10.20
C GLN A 392 4.36 13.97 -9.74
N ALA A 393 3.24 13.66 -9.09
CA ALA A 393 3.09 12.37 -8.42
C ALA A 393 2.57 11.31 -9.39
N GLY A 394 3.15 10.12 -9.31
CA GLY A 394 2.65 8.97 -10.02
C GLY A 394 3.59 8.51 -11.10
N ALA A 395 3.27 7.37 -11.69
CA ALA A 395 4.01 6.79 -12.79
C ALA A 395 3.81 7.64 -14.03
N GLY A 396 4.80 7.56 -14.93
CA GLY A 396 4.73 8.27 -16.22
C GLY A 396 4.90 9.77 -16.13
N LYS A 397 5.44 10.26 -15.02
CA LYS A 397 5.67 11.69 -14.80
C LYS A 397 7.12 12.09 -15.00
N LEU A 398 7.97 11.09 -15.19
CA LEU A 398 9.41 11.26 -15.38
C LEU A 398 9.70 10.61 -16.73
N ASN A 399 10.36 9.45 -16.60
CA ASN A 399 10.54 8.44 -17.66
C ASN A 399 11.97 8.41 -18.25
#